data_5QQ6
#
_entry.id   5QQ6
#
_cell.length_a   57.819
_cell.length_b   57.819
_cell.length_c   396.678
_cell.angle_alpha   90.000
_cell.angle_beta   90.000
_cell.angle_gamma   120.000
#
_symmetry.space_group_name_H-M   'P 61 2 2'
#
loop_
_entity.id
_entity.type
_entity.pdbx_description
1 polymer 'Farnesyl diphosphate synthase'
2 non-polymer 'SULFATE ION'
3 non-polymer 'ACETATE ION'
4 non-polymer 'ZINC ION'
5 non-polymer (3~{a}~{S},8~{a}~{S})-6-(phenylcarbonyl)-2,3,3~{a},7,8,8~{a}-hexahydropyrrolo[3,4-d]azepin-1-one
6 water water
#
_entity_poly.entity_id   1
_entity_poly.type   'polypeptide(L)'
_entity_poly.pdbx_seq_one_letter_code
;GPMASMERFLSVYDEVQAFLLDQLQSKYEIDPNRARYLRIMMDTTCLGGKYFRGMTVVNVAEGFLAVTQHDEATKERILH
DACVGGWMIEFLQAHYLVEDDIMDGSVMRRGKPCWYRFPGVTTQCAINDGIILKSWTQIMAWHYFADRPFLKDLLCLFQK
VDYATAVGQMYDVTSMCDSNKLDPEVAQPMTTDFAEFTPAIYKRIVKYKTTFYTYLLPLVMGLLVSEAAASVEMNLVERV
AHLIGEYFQVQDDVMDCFTPPEQLGKVGTDIEDAKCSWLAVTFLGKANAAQVAEFKANYGEKDPAKVAVVKRLYSKANLQ
ADFAAYEAEVVREVESLIEQLKVKSPTFAESVAVVWEKTHKRKK
;
_entity_poly.pdbx_strand_id   A
#
loop_
_chem_comp.id
_chem_comp.type
_chem_comp.name
_chem_comp.formula
ACT non-polymer 'ACETATE ION' 'C2 H3 O2 -1'
LXJ non-polymer (3~{a}~{S},8~{a}~{S})-6-(phenylcarbonyl)-2,3,3~{a},7,8,8~{a}-hexahydropyrrolo[3,4-d]azepin-1-one 'C15 H16 N2 O2'
SO4 non-polymer 'SULFATE ION' 'O4 S -2'
ZN non-polymer 'ZINC ION' 'Zn 2'
#
# COMPACT_ATOMS: atom_id res chain seq x y z
N MET A 3 12.47 14.95 -20.53
CA MET A 3 11.59 15.31 -19.35
C MET A 3 11.83 14.37 -18.13
N ALA A 4 12.20 14.96 -16.97
CA ALA A 4 12.31 14.18 -15.72
C ALA A 4 10.97 13.47 -15.42
N SER A 5 11.11 12.28 -14.86
CA SER A 5 10.01 11.39 -14.67
C SER A 5 8.98 11.98 -13.74
N MET A 6 9.43 12.57 -12.62
CA MET A 6 8.52 13.16 -11.61
C MET A 6 7.70 14.29 -12.22
N GLU A 7 8.36 15.18 -12.94
CA GLU A 7 7.66 16.34 -13.49
C GLU A 7 6.64 15.82 -14.57
N ARG A 8 6.97 14.75 -15.27
CA ARG A 8 6.02 14.22 -16.26
C ARG A 8 4.81 13.67 -15.49
N PHE A 9 5.09 12.95 -14.40
CA PHE A 9 4.06 12.29 -13.68
C PHE A 9 3.10 13.28 -13.04
N LEU A 10 3.61 14.36 -12.47
CA LEU A 10 2.73 15.40 -11.88
C LEU A 10 1.95 16.21 -12.89
N SER A 11 2.53 16.44 -14.08
CA SER A 11 1.79 17.08 -15.18
C SER A 11 0.63 16.25 -15.61
N VAL A 12 0.80 14.94 -15.59
CA VAL A 12 -0.30 14.05 -16.01
C VAL A 12 -1.41 14.08 -14.96
N TYR A 13 -1.06 14.23 -13.67
CA TYR A 13 -2.09 14.39 -12.67
C TYR A 13 -3.05 15.52 -13.10
N ASP A 14 -2.50 16.68 -13.41
CA ASP A 14 -3.32 17.80 -13.85
C ASP A 14 -4.21 17.52 -15.03
N GLU A 15 -3.64 16.81 -15.98
CA GLU A 15 -4.39 16.45 -17.19
C GLU A 15 -5.58 15.48 -16.85
N VAL A 16 -5.31 14.46 -16.06
CA VAL A 16 -6.28 13.48 -15.65
C VAL A 16 -7.33 14.20 -14.78
N GLN A 17 -6.89 15.03 -13.83
CA GLN A 17 -7.85 15.82 -13.02
C GLN A 17 -8.74 16.66 -13.91
N ALA A 18 -8.15 17.35 -14.89
CA ALA A 18 -8.99 18.22 -15.74
C ALA A 18 -9.99 17.39 -16.55
N PHE A 19 -9.54 16.27 -17.09
CA PHE A 19 -10.38 15.34 -17.80
C PHE A 19 -11.61 14.84 -16.97
N LEU A 20 -11.32 14.31 -15.78
CA LEU A 20 -12.38 13.78 -14.88
C LEU A 20 -13.42 14.88 -14.59
N LEU A 21 -12.97 16.08 -14.26
CA LEU A 21 -13.89 17.13 -13.84
C LEU A 21 -14.69 17.72 -15.01
N ASP A 22 -14.03 17.86 -16.17
CA ASP A 22 -14.71 18.30 -17.40
C ASP A 22 -15.77 17.27 -17.82
N GLN A 23 -15.45 15.99 -17.65
CA GLN A 23 -16.43 14.99 -17.92
C GLN A 23 -17.61 15.03 -16.93
N LEU A 24 -17.37 15.28 -15.64
CA LEU A 24 -18.46 15.42 -14.73
C LEU A 24 -19.42 16.52 -15.17
N GLN A 25 -18.88 17.63 -15.66
CA GLN A 25 -19.68 18.78 -16.14
C GLN A 25 -20.47 18.46 -17.40
N SER A 26 -19.81 17.85 -18.37
CA SER A 26 -20.36 17.66 -19.67
C SER A 26 -21.20 16.41 -19.77
N LYS A 27 -21.01 15.40 -18.92
CA LYS A 27 -21.84 14.18 -18.97
C LYS A 27 -22.64 13.83 -17.69
N TYR A 28 -22.31 14.45 -16.57
CA TYR A 28 -22.87 14.06 -15.32
C TYR A 28 -23.60 15.19 -14.62
N GLU A 29 -23.82 16.28 -15.35
CA GLU A 29 -24.59 17.39 -14.88
C GLU A 29 -24.10 18.03 -13.58
N ILE A 30 -22.80 17.96 -13.35
CA ILE A 30 -22.27 18.61 -12.16
C ILE A 30 -22.27 20.12 -12.29
N ASP A 31 -22.41 20.75 -11.14
CA ASP A 31 -22.37 22.17 -10.97
C ASP A 31 -20.99 22.57 -10.49
N PRO A 32 -20.60 23.84 -10.67
CA PRO A 32 -19.22 24.24 -10.33
C PRO A 32 -18.77 24.06 -8.89
N ASN A 33 -19.66 24.21 -7.94
CA ASN A 33 -19.33 24.05 -6.54
C ASN A 33 -19.01 22.60 -6.13
N ARG A 34 -19.82 21.66 -6.65
CA ARG A 34 -19.58 20.23 -6.41
C ARG A 34 -18.36 19.74 -7.14
N ALA A 35 -18.07 20.32 -8.31
CA ALA A 35 -16.81 20.08 -8.98
C ALA A 35 -15.61 20.55 -8.21
N ARG A 36 -15.71 21.80 -7.69
CA ARG A 36 -14.70 22.30 -6.74
C ARG A 36 -14.51 21.39 -5.52
N TYR A 37 -15.59 20.99 -4.84
CA TYR A 37 -15.46 20.03 -3.74
C TYR A 37 -14.70 18.80 -4.24
N LEU A 38 -15.04 18.23 -5.40
CA LEU A 38 -14.36 16.96 -5.82
C LEU A 38 -12.90 17.18 -6.16
N ARG A 39 -12.62 18.35 -6.70
CA ARG A 39 -11.24 18.75 -7.01
C ARG A 39 -10.37 18.81 -5.80
N ILE A 40 -10.91 19.39 -4.73
CA ILE A 40 -10.17 19.52 -3.47
C ILE A 40 -10.01 18.12 -2.82
N MET A 41 -11.07 17.33 -2.86
CA MET A 41 -11.04 15.97 -2.34
C MET A 41 -9.92 15.21 -3.04
N MET A 42 -9.83 15.34 -4.37
CA MET A 42 -8.83 14.61 -5.13
C MET A 42 -7.45 15.07 -4.69
N ASP A 43 -7.24 16.38 -4.66
CA ASP A 43 -5.90 16.93 -4.30
C ASP A 43 -5.57 16.52 -2.90
N THR A 44 -6.52 16.62 -2.01
CA THR A 44 -6.23 16.28 -0.61
C THR A 44 -5.93 14.81 -0.39
N THR A 45 -6.58 13.92 -1.13
CA THR A 45 -6.45 12.52 -0.82
C THR A 45 -5.41 11.87 -1.73
N CYS A 46 -5.08 12.48 -2.87
CA CYS A 46 -4.13 11.85 -3.82
C CYS A 46 -2.68 12.40 -3.84
N LEU A 47 -2.48 13.61 -3.33
CA LEU A 47 -1.29 14.39 -3.50
C LEU A 47 -0.63 14.52 -2.11
N GLY A 48 0.68 14.62 -2.07
CA GLY A 48 1.41 14.84 -0.83
C GLY A 48 2.32 13.72 -0.36
N GLY A 49 2.21 12.54 -0.92
CA GLY A 49 3.14 11.47 -0.60
C GLY A 49 4.35 11.51 -1.52
N LYS A 50 5.09 10.40 -1.57
CA LYS A 50 6.26 10.29 -2.42
C LYS A 50 5.92 9.74 -3.80
N TYR A 51 4.75 9.17 -3.97
CA TYR A 51 4.33 8.65 -5.26
C TYR A 51 5.23 7.50 -5.67
N PHE A 52 5.66 6.75 -4.66
CA PHE A 52 6.48 5.59 -4.86
C PHE A 52 5.76 4.59 -5.76
N ARG A 53 4.49 4.32 -5.47
CA ARG A 53 3.78 3.33 -6.29
C ARG A 53 3.61 3.77 -7.73
N GLY A 54 3.08 4.97 -7.93
CA GLY A 54 2.91 5.47 -9.29
C GLY A 54 4.20 5.61 -10.10
N MET A 55 5.24 6.13 -9.47
CA MET A 55 6.54 6.34 -10.10
C MET A 55 7.22 5.00 -10.41
N THR A 56 6.95 3.97 -9.61
CA THR A 56 7.37 2.64 -10.02
C THR A 56 6.92 2.23 -11.44
N VAL A 57 5.67 2.49 -11.78
CA VAL A 57 5.17 2.13 -13.08
C VAL A 57 5.99 2.89 -14.13
N VAL A 58 6.27 4.17 -13.86
CA VAL A 58 6.99 4.98 -14.80
C VAL A 58 8.42 4.45 -14.96
N ASN A 59 9.03 4.11 -13.84
CA ASN A 59 10.39 3.70 -13.81
C ASN A 59 10.63 2.36 -14.56
N VAL A 60 9.73 1.43 -14.40
CA VAL A 60 9.83 0.17 -15.08
C VAL A 60 9.76 0.45 -16.56
N ALA A 61 8.83 1.35 -16.96
CA ALA A 61 8.56 1.60 -18.35
C ALA A 61 9.81 2.27 -19.02
N GLU A 62 10.46 3.17 -18.30
CA GLU A 62 11.66 3.85 -18.73
C GLU A 62 12.78 2.92 -18.93
N GLY A 63 12.93 1.93 -18.04
CA GLY A 63 13.94 0.88 -18.19
C GLY A 63 13.77 0.13 -19.50
N PHE A 64 12.52 -0.24 -19.82
CA PHE A 64 12.19 -0.96 -21.07
C PHE A 64 12.53 -0.12 -22.29
N LEU A 65 12.17 1.17 -22.25
CA LEU A 65 12.41 2.12 -23.36
C LEU A 65 13.89 2.26 -23.69
N ALA A 66 14.71 2.19 -22.67
CA ALA A 66 16.12 2.39 -22.84
C ALA A 66 16.80 1.20 -23.54
N VAL A 67 16.18 0.04 -23.65
CA VAL A 67 16.78 -1.13 -24.29
C VAL A 67 15.90 -1.73 -25.41
N THR A 68 14.98 -0.93 -25.91
CA THR A 68 14.01 -1.37 -26.92
C THR A 68 13.94 -0.29 -27.98
N GLN A 69 13.61 -0.66 -29.22
CA GLN A 69 13.53 0.33 -30.30
C GLN A 69 12.09 0.80 -30.44
N HIS A 70 11.93 2.11 -30.45
CA HIS A 70 10.63 2.73 -30.59
C HIS A 70 10.82 4.08 -31.26
N ASP A 71 9.77 4.52 -31.96
CA ASP A 71 9.65 5.91 -32.40
C ASP A 71 9.48 6.79 -31.18
N GLU A 72 9.85 8.05 -31.32
CA GLU A 72 9.72 9.05 -30.27
C GLU A 72 8.26 9.18 -29.79
N ALA A 73 7.32 9.24 -30.72
CA ALA A 73 5.93 9.34 -30.36
C ALA A 73 5.52 8.09 -29.62
N THR A 74 6.08 6.93 -29.93
CA THR A 74 5.74 5.72 -29.17
C THR A 74 6.34 5.78 -27.75
N LYS A 75 7.52 6.36 -27.59
CA LYS A 75 8.07 6.58 -26.25
C LYS A 75 7.17 7.45 -25.37
N GLU A 76 6.64 8.50 -25.95
CA GLU A 76 5.77 9.43 -25.24
C GLU A 76 4.50 8.77 -24.92
N ARG A 77 3.95 7.98 -25.84
CA ARG A 77 2.76 7.26 -25.57
C ARG A 77 2.91 6.28 -24.39
N ILE A 78 3.95 5.46 -24.45
CA ILE A 78 4.27 4.57 -23.42
C ILE A 78 4.47 5.31 -22.07
N LEU A 79 5.21 6.41 -22.03
CA LEU A 79 5.41 7.14 -20.79
C LEU A 79 4.13 7.76 -20.24
N HIS A 80 3.36 8.36 -21.11
CA HIS A 80 2.03 8.83 -20.74
C HIS A 80 1.14 7.70 -20.17
N ASP A 81 1.07 6.57 -20.85
CA ASP A 81 0.38 5.44 -20.32
C ASP A 81 0.91 4.99 -18.95
N ALA A 82 2.22 4.96 -18.77
CA ALA A 82 2.76 4.58 -17.47
C ALA A 82 2.29 5.58 -16.39
N CYS A 83 2.18 6.85 -16.75
CA CYS A 83 1.80 7.88 -15.83
C CYS A 83 0.37 7.72 -15.43
N VAL A 84 -0.47 7.47 -16.39
CA VAL A 84 -1.85 7.27 -16.12
C VAL A 84 -2.03 6.03 -15.28
N GLY A 85 -1.36 4.95 -15.65
CA GLY A 85 -1.36 3.71 -14.88
C GLY A 85 -0.93 3.91 -13.41
N GLY A 86 0.13 4.66 -13.23
CA GLY A 86 0.61 5.07 -11.93
C GLY A 86 -0.42 5.85 -11.12
N TRP A 87 -1.07 6.82 -11.74
CA TRP A 87 -2.18 7.52 -11.08
C TRP A 87 -3.33 6.56 -10.74
N MET A 88 -3.58 5.51 -11.51
CA MET A 88 -4.63 4.57 -11.11
C MET A 88 -4.26 3.95 -9.77
N ILE A 89 -2.99 3.63 -9.56
CA ILE A 89 -2.57 2.95 -8.35
C ILE A 89 -2.61 3.96 -7.20
N GLU A 90 -2.16 5.18 -7.48
CA GLU A 90 -2.22 6.24 -6.48
C GLU A 90 -3.72 6.51 -6.07
N PHE A 91 -4.65 6.56 -7.02
CA PHE A 91 -6.03 6.76 -6.63
C PHE A 91 -6.63 5.55 -5.86
N LEU A 92 -6.19 4.36 -6.19
CA LEU A 92 -6.57 3.14 -5.50
C LEU A 92 -6.08 3.19 -4.06
N GLN A 93 -4.86 3.66 -3.85
CA GLN A 93 -4.39 3.83 -2.52
C GLN A 93 -5.22 4.87 -1.76
N ALA A 94 -5.46 6.02 -2.38
CA ALA A 94 -6.25 7.08 -1.77
C ALA A 94 -7.64 6.58 -1.35
N HIS A 95 -8.33 5.78 -2.21
CA HIS A 95 -9.54 5.06 -1.84
C HIS A 95 -9.33 4.31 -0.54
N TYR A 96 -8.34 3.45 -0.48
CA TYR A 96 -8.12 2.62 0.69
C TYR A 96 -7.74 3.43 1.94
N LEU A 97 -6.95 4.48 1.80
CA LEU A 97 -6.57 5.34 2.91
C LEU A 97 -7.74 6.13 3.52
N VAL A 98 -8.62 6.65 2.65
CA VAL A 98 -9.85 7.29 3.08
C VAL A 98 -10.75 6.33 3.83
N GLU A 99 -10.99 5.17 3.26
CA GLU A 99 -11.89 4.28 3.90
C GLU A 99 -11.27 3.68 5.19
N ASP A 100 -9.98 3.34 5.14
CA ASP A 100 -9.32 2.72 6.29
C ASP A 100 -9.27 3.67 7.47
N ASP A 101 -9.06 4.96 7.20
CA ASP A 101 -9.04 5.97 8.26
C ASP A 101 -10.38 6.09 8.97
N ILE A 102 -11.46 5.95 8.21
CA ILE A 102 -12.81 5.98 8.73
C ILE A 102 -13.05 4.72 9.51
N MET A 103 -12.75 3.57 8.90
CA MET A 103 -12.90 2.27 9.59
C MET A 103 -12.23 2.23 10.96
N ASP A 104 -11.04 2.82 11.03
CA ASP A 104 -10.16 2.70 12.20
C ASP A 104 -10.28 3.87 13.19
N GLY A 105 -11.04 4.90 12.85
CA GLY A 105 -11.10 6.09 13.64
C GLY A 105 -9.78 6.82 13.74
N SER A 106 -8.99 6.78 12.68
CA SER A 106 -7.78 7.54 12.64
C SER A 106 -8.01 9.05 12.69
N VAL A 107 -6.97 9.73 13.18
CA VAL A 107 -7.01 11.13 13.51
C VAL A 107 -6.21 11.86 12.48
N MET A 108 -5.04 11.36 12.20
CA MET A 108 -4.13 12.06 11.34
C MET A 108 -3.54 11.09 10.34
N ARG A 109 -2.94 11.64 9.32
CA ARG A 109 -2.24 10.87 8.29
C ARG A 109 -1.30 11.88 7.62
N ARG A 110 0.00 11.57 7.46
CA ARG A 110 1.00 12.54 6.92
C ARG A 110 0.89 13.95 7.60
N GLY A 111 0.71 14.00 8.92
CA GLY A 111 0.68 15.27 9.64
C GLY A 111 -0.51 16.16 9.40
N LYS A 112 -1.54 15.70 8.67
CA LYS A 112 -2.78 16.47 8.47
C LYS A 112 -3.95 15.61 8.90
N PRO A 113 -5.11 16.24 9.14
CA PRO A 113 -6.31 15.48 9.56
C PRO A 113 -6.72 14.47 8.47
N CYS A 114 -7.20 13.32 8.89
CA CYS A 114 -7.85 12.42 7.92
C CYS A 114 -9.03 13.13 7.23
N TRP A 115 -9.23 12.81 5.97
CA TRP A 115 -10.25 13.43 5.14
C TRP A 115 -11.62 13.50 5.78
N TYR A 116 -12.03 12.41 6.39
CA TYR A 116 -13.33 12.40 7.01
C TYR A 116 -13.52 13.41 8.15
N ARG A 117 -12.42 13.82 8.74
CA ARG A 117 -12.43 14.72 9.84
C ARG A 117 -12.47 16.18 9.39
N PHE A 118 -12.29 16.46 8.08
CA PHE A 118 -12.40 17.83 7.60
C PHE A 118 -13.81 18.35 7.99
N PRO A 119 -13.90 19.59 8.44
CA PRO A 119 -15.23 20.05 8.92
C PRO A 119 -16.36 19.97 7.91
N GLY A 120 -16.06 20.32 6.66
CA GLY A 120 -17.08 20.28 5.63
C GLY A 120 -17.17 18.93 4.93
N VAL A 121 -16.55 17.86 5.47
CA VAL A 121 -16.64 16.57 4.80
C VAL A 121 -17.65 15.66 5.56
N THR A 122 -17.19 15.15 6.71
CA THR A 122 -17.91 14.21 7.51
C THR A 122 -17.85 12.79 6.90
N THR A 123 -18.09 11.82 7.78
CA THR A 123 -18.04 10.42 7.41
C THR A 123 -19.13 10.11 6.35
N GLN A 124 -20.25 10.77 6.46
CA GLN A 124 -21.33 10.55 5.53
C GLN A 124 -20.88 10.80 4.11
N CYS A 125 -20.17 11.89 3.90
CA CYS A 125 -19.61 12.15 2.58
C CYS A 125 -18.33 11.40 2.24
N ALA A 126 -17.46 11.20 3.24
CA ALA A 126 -16.12 10.67 2.97
C ALA A 126 -16.17 9.26 2.54
N ILE A 127 -17.14 8.50 3.03
CA ILE A 127 -17.26 7.08 2.58
C ILE A 127 -17.53 7.07 1.12
N ASN A 128 -18.46 7.93 0.68
CA ASN A 128 -18.74 8.10 -0.71
C ASN A 128 -17.61 8.69 -1.53
N ASP A 129 -16.89 9.66 -0.98
CA ASP A 129 -15.73 10.19 -1.66
C ASP A 129 -14.69 9.12 -1.94
N GLY A 130 -14.51 8.19 -0.99
CA GLY A 130 -13.62 7.06 -1.14
C GLY A 130 -14.02 6.13 -2.28
N ILE A 131 -15.35 5.95 -2.40
CA ILE A 131 -15.93 5.17 -3.48
C ILE A 131 -15.63 5.79 -4.84
N ILE A 132 -15.82 7.10 -4.89
CA ILE A 132 -15.52 7.87 -6.11
C ILE A 132 -14.08 7.73 -6.53
N LEU A 133 -13.16 7.85 -5.56
CA LEU A 133 -11.73 7.72 -5.82
C LEU A 133 -11.40 6.46 -6.54
N LYS A 134 -11.95 5.33 -6.08
CA LYS A 134 -11.78 4.08 -6.84
C LYS A 134 -12.51 4.11 -8.20
N SER A 135 -13.75 4.60 -8.27
CA SER A 135 -14.39 4.66 -9.61
C SER A 135 -13.56 5.47 -10.62
N TRP A 136 -12.90 6.56 -10.19
CA TRP A 136 -12.08 7.33 -11.08
C TRP A 136 -10.95 6.49 -11.71
N THR A 137 -10.42 5.47 -10.98
CA THR A 137 -9.42 4.54 -11.56
C THR A 137 -9.88 3.89 -12.86
N GLN A 138 -11.12 3.46 -12.85
CA GLN A 138 -11.76 2.80 -13.98
C GLN A 138 -12.14 3.82 -15.07
N ILE A 139 -12.57 5.01 -14.67
CA ILE A 139 -12.83 6.06 -15.69
C ILE A 139 -11.51 6.39 -16.41
N MET A 140 -10.42 6.58 -15.67
CA MET A 140 -9.12 6.77 -16.32
C MET A 140 -8.82 5.67 -17.33
N ALA A 141 -8.91 4.42 -16.88
CA ALA A 141 -8.44 3.30 -17.67
C ALA A 141 -9.20 3.25 -18.99
N TRP A 142 -10.54 3.30 -18.91
CA TRP A 142 -11.38 3.24 -20.08
C TRP A 142 -11.18 4.39 -21.07
N HIS A 143 -11.01 5.61 -20.56
CA HIS A 143 -10.70 6.76 -21.41
C HIS A 143 -9.33 6.65 -22.04
N TYR A 144 -8.24 6.55 -21.28
CA TYR A 144 -6.90 6.66 -21.87
C TYR A 144 -6.44 5.38 -22.59
N PHE A 145 -6.98 4.24 -22.18
CA PHE A 145 -6.51 2.94 -22.72
C PHE A 145 -7.52 2.20 -23.55
N ALA A 146 -8.57 2.90 -23.98
CA ALA A 146 -9.64 2.35 -24.83
C ALA A 146 -9.14 1.52 -26.02
N ASP A 147 -8.13 1.94 -26.72
CA ASP A 147 -7.76 1.12 -27.89
C ASP A 147 -6.48 0.30 -27.64
N ARG A 148 -6.01 0.23 -26.37
CA ARG A 148 -4.75 -0.36 -26.09
C ARG A 148 -4.81 -1.88 -26.04
N PRO A 149 -3.80 -2.56 -26.56
CA PRO A 149 -3.82 -4.01 -26.54
C PRO A 149 -3.73 -4.61 -25.15
N PHE A 150 -3.15 -3.90 -24.18
CA PHE A 150 -3.06 -4.33 -22.82
C PHE A 150 -4.31 -4.05 -21.96
N LEU A 151 -5.37 -3.48 -22.51
CA LEU A 151 -6.49 -3.02 -21.67
C LEU A 151 -7.07 -4.11 -20.80
N LYS A 152 -7.40 -5.24 -21.44
CA LYS A 152 -7.98 -6.39 -20.70
C LYS A 152 -7.09 -6.88 -19.61
N ASP A 153 -5.84 -7.15 -19.94
CA ASP A 153 -4.96 -7.65 -18.90
C ASP A 153 -4.82 -6.63 -17.77
N LEU A 154 -4.72 -5.34 -18.10
CA LEU A 154 -4.58 -4.28 -17.04
C LEU A 154 -5.80 -4.23 -16.12
N LEU A 155 -6.99 -4.22 -16.69
CA LEU A 155 -8.21 -4.22 -15.95
C LEU A 155 -8.36 -5.45 -15.07
N CYS A 156 -7.99 -6.62 -15.60
CA CYS A 156 -8.13 -7.90 -14.90
C CYS A 156 -7.15 -7.92 -13.72
N LEU A 157 -5.93 -7.44 -13.96
CA LEU A 157 -4.90 -7.34 -12.90
C LEU A 157 -5.34 -6.37 -11.80
N PHE A 158 -5.79 -5.20 -12.23
CA PHE A 158 -6.19 -4.16 -11.31
C PHE A 158 -7.27 -4.66 -10.36
N GLN A 159 -8.28 -5.28 -10.96
N GLN A 159 -8.31 -5.32 -10.88
CA GLN A 159 -9.41 -5.94 -10.35
CA GLN A 159 -9.39 -5.81 -10.04
C GLN A 159 -9.01 -6.94 -9.26
C GLN A 159 -8.94 -6.94 -9.13
N LYS A 160 -8.09 -7.84 -9.62
CA LYS A 160 -7.53 -8.84 -8.71
C LYS A 160 -6.70 -8.23 -7.56
N VAL A 161 -5.97 -7.17 -7.85
CA VAL A 161 -5.23 -6.54 -6.79
C VAL A 161 -6.15 -5.84 -5.82
N ASP A 162 -7.12 -5.15 -6.37
CA ASP A 162 -8.14 -4.51 -5.58
C ASP A 162 -8.80 -5.46 -4.60
N TYR A 163 -9.29 -6.59 -5.13
CA TYR A 163 -9.96 -7.57 -4.35
C TYR A 163 -8.98 -8.11 -3.30
N ALA A 164 -7.75 -8.40 -3.72
CA ALA A 164 -6.80 -8.96 -2.75
C ALA A 164 -6.63 -7.99 -1.53
N THR A 165 -6.57 -6.68 -1.84
CA THR A 165 -6.33 -5.61 -0.85
C THR A 165 -7.52 -5.58 0.15
N ALA A 166 -8.73 -5.68 -0.36
CA ALA A 166 -9.95 -5.72 0.47
C ALA A 166 -9.99 -6.94 1.35
N VAL A 167 -9.62 -8.09 0.78
CA VAL A 167 -9.38 -9.30 1.59
C VAL A 167 -8.36 -9.15 2.73
N GLY A 168 -7.26 -8.52 2.42
CA GLY A 168 -6.28 -8.21 3.37
C GLY A 168 -6.70 -7.29 4.46
N GLN A 169 -7.51 -6.32 4.09
CA GLN A 169 -8.16 -5.44 5.05
C GLN A 169 -9.02 -6.27 6.00
N MET A 170 -9.74 -7.24 5.49
CA MET A 170 -10.51 -8.13 6.34
C MET A 170 -9.55 -8.90 7.26
N TYR A 171 -8.46 -9.42 6.73
CA TYR A 171 -7.50 -10.16 7.60
C TYR A 171 -6.96 -9.26 8.74
N ASP A 172 -6.74 -8.01 8.42
CA ASP A 172 -6.14 -7.05 9.32
C ASP A 172 -7.05 -6.66 10.45
N VAL A 173 -8.29 -6.28 10.11
CA VAL A 173 -9.21 -5.81 11.13
C VAL A 173 -9.74 -6.95 12.03
N THR A 174 -9.68 -8.19 11.54
CA THR A 174 -10.04 -9.35 12.35
C THR A 174 -8.80 -10.02 13.01
N SER A 175 -7.60 -9.42 12.93
CA SER A 175 -6.40 -10.10 13.36
C SER A 175 -6.27 -10.31 14.91
N MET A 176 -7.08 -9.62 15.70
CA MET A 176 -7.02 -9.67 17.15
C MET A 176 -8.16 -10.52 17.76
N CYS A 177 -8.96 -11.14 16.90
CA CYS A 177 -10.04 -12.04 17.29
C CYS A 177 -9.57 -13.45 17.08
N ASP A 178 -10.25 -14.38 17.74
CA ASP A 178 -9.98 -15.78 17.53
C ASP A 178 -10.84 -16.17 16.37
N SER A 179 -10.22 -16.74 15.33
CA SER A 179 -10.92 -17.19 14.15
C SER A 179 -12.18 -18.01 14.43
N ASN A 180 -12.09 -18.93 15.39
CA ASN A 180 -13.17 -19.86 15.71
C ASN A 180 -14.36 -19.16 16.37
N LYS A 181 -14.19 -17.90 16.81
CA LYS A 181 -15.30 -17.13 17.40
C LYS A 181 -15.93 -16.12 16.41
N LEU A 182 -15.32 -15.86 15.27
CA LEU A 182 -15.90 -14.94 14.27
C LEU A 182 -17.34 -15.29 13.99
N ASP A 183 -18.21 -14.32 14.11
CA ASP A 183 -19.63 -14.55 13.98
C ASP A 183 -20.35 -13.20 13.92
N PRO A 184 -21.02 -12.91 12.79
CA PRO A 184 -21.73 -11.64 12.63
C PRO A 184 -22.79 -11.35 13.70
N GLU A 185 -23.36 -12.43 14.31
CA GLU A 185 -24.32 -12.30 15.37
C GLU A 185 -23.76 -11.94 16.73
N VAL A 186 -22.46 -12.12 16.99
CA VAL A 186 -21.95 -11.98 18.33
C VAL A 186 -20.79 -11.02 18.38
N ALA A 187 -20.82 -10.08 19.37
CA ALA A 187 -19.78 -9.06 19.50
C ALA A 187 -18.48 -9.84 19.71
N GLN A 188 -17.42 -9.43 19.02
CA GLN A 188 -16.16 -10.14 19.00
C GLN A 188 -15.25 -9.75 20.15
N PRO A 189 -14.88 -10.73 20.99
CA PRO A 189 -13.88 -10.45 22.03
C PRO A 189 -12.48 -10.42 21.44
N MET A 190 -11.63 -9.55 21.95
CA MET A 190 -10.19 -9.72 21.73
C MET A 190 -9.68 -11.14 22.19
N THR A 191 -8.71 -11.72 21.45
CA THR A 191 -8.03 -12.97 21.79
C THR A 191 -7.37 -12.78 23.18
N THR A 192 -7.43 -13.84 23.96
CA THR A 192 -6.75 -13.90 25.23
C THR A 192 -5.47 -14.74 25.10
N ASP A 193 -5.47 -15.76 24.24
CA ASP A 193 -4.26 -16.61 24.11
C ASP A 193 -3.19 -16.06 23.12
N PHE A 194 -3.63 -15.24 22.16
CA PHE A 194 -2.74 -14.72 21.11
C PHE A 194 -2.10 -15.86 20.30
N ALA A 195 -2.83 -16.95 20.20
CA ALA A 195 -2.33 -18.12 19.48
C ALA A 195 -2.26 -17.89 17.98
N GLU A 196 -2.99 -16.90 17.50
CA GLU A 196 -2.93 -16.53 16.08
C GLU A 196 -1.99 -15.44 15.79
N PHE A 197 -1.10 -15.07 16.73
CA PHE A 197 -0.06 -14.08 16.41
C PHE A 197 1.16 -14.90 16.01
N THR A 198 1.17 -15.38 14.80
CA THR A 198 2.26 -16.20 14.32
C THR A 198 2.88 -15.54 13.06
N PRO A 199 4.09 -16.00 12.68
CA PRO A 199 4.68 -15.45 11.45
C PRO A 199 3.84 -15.82 10.23
N ALA A 200 3.29 -17.02 10.16
CA ALA A 200 2.54 -17.37 8.94
C ALA A 200 1.30 -16.49 8.81
N ILE A 201 0.65 -16.24 9.95
CA ILE A 201 -0.58 -15.43 9.99
C ILE A 201 -0.35 -13.98 9.68
N TYR A 202 0.67 -13.40 10.36
CA TYR A 202 1.18 -12.09 10.09
C TYR A 202 1.46 -11.94 8.60
N LYS A 203 2.25 -12.83 8.06
CA LYS A 203 2.58 -12.81 6.62
C LYS A 203 1.37 -12.76 5.71
N ARG A 204 0.30 -13.47 6.02
CA ARG A 204 -0.89 -13.41 5.18
C ARG A 204 -1.56 -12.02 5.18
N ILE A 205 -1.69 -11.42 6.37
CA ILE A 205 -2.29 -10.11 6.55
C ILE A 205 -1.53 -9.18 5.61
N VAL A 206 -0.22 -9.12 5.75
CA VAL A 206 0.59 -8.17 5.05
C VAL A 206 0.57 -8.40 3.54
N LYS A 207 0.73 -9.66 3.15
CA LYS A 207 0.75 -10.03 1.75
C LYS A 207 -0.46 -9.47 1.02
N TYR A 208 -1.64 -9.72 1.56
CA TYR A 208 -2.89 -9.21 0.97
C TYR A 208 -3.15 -7.72 1.19
N LYS A 209 -2.98 -7.22 2.40
CA LYS A 209 -3.32 -5.85 2.76
C LYS A 209 -2.48 -4.77 2.04
N THR A 210 -1.20 -5.09 1.80
CA THR A 210 -0.18 -4.14 1.37
C THR A 210 0.59 -4.57 0.11
N THR A 211 1.14 -5.80 0.07
CA THR A 211 2.08 -6.14 -1.00
C THR A 211 1.54 -6.15 -2.40
N PHE A 212 0.33 -6.62 -2.60
CA PHE A 212 -0.23 -6.66 -3.91
C PHE A 212 -0.34 -5.24 -4.51
N TYR A 213 -0.86 -4.23 -3.77
CA TYR A 213 -1.11 -2.90 -4.35
C TYR A 213 0.11 -2.03 -4.35
N THR A 214 1.04 -2.29 -3.45
CA THR A 214 2.21 -1.48 -3.28
C THR A 214 3.42 -1.91 -4.15
N TYR A 215 3.63 -3.20 -4.30
CA TYR A 215 4.78 -3.71 -5.05
C TYR A 215 4.39 -4.50 -6.27
N LEU A 216 3.42 -5.42 -6.19
CA LEU A 216 3.17 -6.27 -7.32
C LEU A 216 2.54 -5.43 -8.45
N LEU A 217 1.45 -4.74 -8.11
CA LEU A 217 0.70 -3.95 -9.10
C LEU A 217 1.58 -2.95 -9.89
N PRO A 218 2.37 -2.13 -9.20
CA PRO A 218 3.22 -1.14 -9.89
C PRO A 218 4.23 -1.78 -10.80
N LEU A 219 4.80 -2.90 -10.37
CA LEU A 219 5.72 -3.61 -11.24
C LEU A 219 5.08 -4.19 -12.46
N VAL A 220 3.99 -4.91 -12.28
CA VAL A 220 3.37 -5.59 -13.39
C VAL A 220 2.68 -4.58 -14.29
N MET A 221 2.14 -3.51 -13.75
CA MET A 221 1.52 -2.49 -14.62
C MET A 221 2.57 -1.83 -15.51
N GLY A 222 3.75 -1.62 -14.99
CA GLY A 222 4.86 -1.08 -15.79
C GLY A 222 5.21 -2.00 -16.96
N LEU A 223 5.16 -3.29 -16.71
CA LEU A 223 5.34 -4.30 -17.78
C LEU A 223 4.19 -4.25 -18.76
N LEU A 224 2.94 -4.23 -18.29
CA LEU A 224 1.79 -4.22 -19.24
C LEU A 224 1.78 -3.00 -20.17
N VAL A 225 2.08 -1.79 -19.65
CA VAL A 225 1.99 -0.61 -20.52
C VAL A 225 3.14 -0.60 -21.56
N SER A 226 4.24 -1.25 -21.21
CA SER A 226 5.46 -1.41 -22.04
C SER A 226 5.40 -2.60 -23.01
N GLU A 227 4.35 -3.38 -22.91
CA GLU A 227 4.18 -4.59 -23.71
C GLU A 227 5.31 -5.56 -23.44
N ALA A 228 5.73 -5.58 -22.19
CA ALA A 228 6.93 -6.30 -21.80
C ALA A 228 6.69 -7.54 -20.90
N ALA A 229 5.45 -7.92 -20.60
CA ALA A 229 5.23 -8.94 -19.55
C ALA A 229 5.76 -10.30 -19.94
N ALA A 230 5.79 -10.57 -21.24
CA ALA A 230 6.23 -11.88 -21.71
C ALA A 230 7.75 -11.93 -21.70
N SER A 231 8.44 -10.81 -21.44
CA SER A 231 9.90 -10.78 -21.23
C SER A 231 10.40 -11.14 -19.83
N VAL A 232 9.52 -11.27 -18.84
CA VAL A 232 9.93 -11.59 -17.46
C VAL A 232 9.24 -12.84 -16.95
N GLU A 233 9.83 -13.44 -15.94
CA GLU A 233 9.25 -14.61 -15.33
C GLU A 233 8.29 -14.12 -14.23
N MET A 234 7.02 -14.26 -14.45
CA MET A 234 6.04 -13.69 -13.58
C MET A 234 6.08 -14.27 -12.15
N ASN A 235 6.38 -15.57 -11.98
CA ASN A 235 6.46 -16.12 -10.63
C ASN A 235 7.52 -15.45 -9.80
N LEU A 236 8.63 -15.08 -10.44
CA LEU A 236 9.67 -14.32 -9.75
C LEU A 236 9.22 -12.92 -9.39
N VAL A 237 8.41 -12.29 -10.24
CA VAL A 237 7.92 -10.92 -9.93
C VAL A 237 7.05 -11.02 -8.67
N GLU A 238 6.23 -12.06 -8.61
CA GLU A 238 5.31 -12.29 -7.49
C GLU A 238 6.13 -12.50 -6.24
N ARG A 239 7.08 -13.44 -6.31
CA ARG A 239 7.85 -13.79 -5.14
C ARG A 239 8.68 -12.62 -4.63
N VAL A 240 9.33 -11.85 -5.51
CA VAL A 240 10.11 -10.72 -5.00
C VAL A 240 9.24 -9.59 -4.46
N ALA A 241 8.09 -9.32 -5.08
CA ALA A 241 7.14 -8.34 -4.57
C ALA A 241 6.69 -8.64 -3.13
N HIS A 242 6.36 -9.90 -2.87
CA HIS A 242 5.87 -10.34 -1.57
C HIS A 242 6.93 -10.21 -0.55
N LEU A 243 8.17 -10.53 -0.92
CA LEU A 243 9.27 -10.34 -0.03
C LEU A 243 9.53 -8.90 0.32
N ILE A 244 9.67 -8.04 -0.68
CA ILE A 244 9.92 -6.64 -0.39
C ILE A 244 8.74 -5.99 0.36
N GLY A 245 7.52 -6.37 -0.03
CA GLY A 245 6.34 -5.81 0.56
C GLY A 245 6.22 -6.21 2.02
N GLU A 246 6.65 -7.44 2.34
CA GLU A 246 6.74 -7.83 3.75
C GLU A 246 7.70 -6.96 4.55
N TYR A 247 8.90 -6.76 3.99
CA TYR A 247 9.91 -5.96 4.64
C TYR A 247 9.37 -4.56 4.85
N PHE A 248 8.75 -4.00 3.81
CA PHE A 248 8.15 -2.67 3.97
C PHE A 248 7.22 -2.61 5.21
N GLN A 249 6.32 -3.59 5.32
CA GLN A 249 5.36 -3.55 6.42
C GLN A 249 6.02 -3.72 7.81
N VAL A 250 7.11 -4.45 7.89
CA VAL A 250 7.77 -4.68 9.14
C VAL A 250 8.37 -3.38 9.63
N GLN A 251 9.03 -2.64 8.74
CA GLN A 251 9.44 -1.26 9.05
C GLN A 251 8.32 -0.36 9.56
N ASP A 252 7.23 -0.32 8.80
CA ASP A 252 6.04 0.41 9.23
C ASP A 252 5.52 -0.02 10.63
N ASP A 253 5.54 -1.30 10.92
CA ASP A 253 5.14 -1.77 12.26
C ASP A 253 6.10 -1.27 13.34
N VAL A 254 7.39 -1.30 13.05
CA VAL A 254 8.38 -0.88 14.02
C VAL A 254 8.28 0.61 14.33
N MET A 255 8.10 1.40 13.29
CA MET A 255 7.89 2.85 13.43
C MET A 255 6.62 3.22 14.25
N ASP A 256 5.50 2.51 14.01
CA ASP A 256 4.21 2.76 14.74
C ASP A 256 4.43 2.90 16.26
N CYS A 257 5.24 1.97 16.76
CA CYS A 257 5.61 1.91 18.15
C CYS A 257 6.77 2.88 18.49
N PHE A 258 7.84 2.96 17.68
CA PHE A 258 9.09 3.67 18.13
C PHE A 258 9.37 5.05 17.52
N THR A 259 8.84 5.37 16.35
CA THR A 259 9.04 6.69 15.71
C THR A 259 8.21 7.79 16.38
N PRO A 260 8.86 8.88 16.86
CA PRO A 260 8.10 9.97 17.49
C PRO A 260 6.93 10.48 16.60
N PRO A 261 5.75 10.77 17.21
CA PRO A 261 4.58 11.08 16.38
C PRO A 261 4.75 12.22 15.31
N GLU A 262 5.52 13.26 15.63
CA GLU A 262 5.81 14.36 14.69
C GLU A 262 6.61 13.90 13.46
N GLN A 263 7.50 12.91 13.63
CA GLN A 263 8.16 12.25 12.47
C GLN A 263 7.30 11.15 11.80
N LEU A 264 6.52 10.40 12.57
CA LEU A 264 5.61 9.40 11.97
C LEU A 264 4.45 10.02 11.10
N GLY A 265 4.08 11.28 11.38
CA GLY A 265 2.90 11.93 10.79
C GLY A 265 1.59 11.51 11.43
N LYS A 266 1.71 10.84 12.58
CA LYS A 266 0.66 10.00 13.17
C LYS A 266 1.07 9.67 14.65
N VAL A 267 0.12 9.71 15.59
CA VAL A 267 0.24 8.98 16.89
C VAL A 267 -0.10 7.48 16.64
N GLY A 268 0.88 6.60 16.81
CA GLY A 268 0.65 5.17 16.57
C GLY A 268 -0.23 4.51 17.63
N THR A 269 -1.21 3.75 17.19
CA THR A 269 -2.15 3.02 18.08
C THR A 269 -2.16 1.47 17.91
N ASP A 270 -1.14 0.89 17.27
CA ASP A 270 -1.10 -0.57 17.01
C ASP A 270 -1.28 -1.38 18.30
N ILE A 271 -0.58 -0.94 19.33
CA ILE A 271 -0.68 -1.59 20.65
C ILE A 271 -2.10 -1.50 21.19
N GLU A 272 -2.68 -0.29 21.19
CA GLU A 272 -4.05 -0.06 21.71
C GLU A 272 -5.10 -0.78 20.88
N ASP A 273 -4.87 -0.82 19.56
CA ASP A 273 -5.75 -1.55 18.63
C ASP A 273 -5.49 -3.07 18.60
N ALA A 274 -4.50 -3.53 19.38
CA ALA A 274 -4.12 -4.93 19.47
C ALA A 274 -3.75 -5.50 18.12
N LYS A 275 -3.05 -4.70 17.30
CA LYS A 275 -2.74 -5.19 15.94
C LYS A 275 -1.80 -6.41 16.00
N CYS A 276 -2.00 -7.35 15.06
CA CYS A 276 -1.04 -8.40 14.80
C CYS A 276 0.15 -7.75 14.11
N SER A 277 1.03 -7.17 14.89
CA SER A 277 2.20 -6.46 14.36
C SER A 277 3.45 -7.33 14.44
N TRP A 278 4.45 -6.96 13.65
CA TRP A 278 5.67 -7.71 13.69
C TRP A 278 6.31 -7.67 15.09
N LEU A 279 6.19 -6.58 15.81
CA LEU A 279 6.74 -6.51 17.17
C LEU A 279 6.03 -7.52 18.07
N ALA A 280 4.70 -7.55 18.06
CA ALA A 280 3.97 -8.49 18.93
C ALA A 280 4.26 -9.98 18.63
N VAL A 281 4.27 -10.34 17.35
CA VAL A 281 4.55 -11.71 16.89
C VAL A 281 5.98 -12.12 17.28
N THR A 282 6.92 -11.22 17.00
CA THR A 282 8.31 -11.50 17.19
C THR A 282 8.60 -11.57 18.71
N PHE A 283 7.98 -10.67 19.47
CA PHE A 283 8.03 -10.74 20.95
C PHE A 283 7.53 -12.08 21.49
N LEU A 284 6.38 -12.49 20.97
CA LEU A 284 5.78 -13.68 21.44
C LEU A 284 6.60 -14.90 21.03
N GLY A 285 7.33 -14.79 19.93
CA GLY A 285 8.21 -15.87 19.49
C GLY A 285 9.49 -16.03 20.33
N LYS A 286 9.87 -15.06 21.19
CA LYS A 286 11.05 -15.21 22.04
C LYS A 286 10.83 -15.04 23.59
N ALA A 287 9.64 -14.66 23.99
CA ALA A 287 9.36 -14.31 25.38
C ALA A 287 9.29 -15.54 26.24
N ASN A 288 9.66 -15.36 27.51
CA ASN A 288 9.40 -16.39 28.51
C ASN A 288 7.98 -16.29 29.05
N ALA A 289 7.57 -17.23 29.92
CA ALA A 289 6.20 -17.26 30.50
C ALA A 289 5.76 -15.98 31.19
N ALA A 290 6.64 -15.45 32.04
CA ALA A 290 6.36 -14.21 32.73
C ALA A 290 6.13 -13.05 31.75
N GLN A 291 6.96 -12.98 30.70
CA GLN A 291 6.88 -11.87 29.72
C GLN A 291 5.56 -11.93 28.92
N VAL A 292 5.25 -13.13 28.44
CA VAL A 292 3.98 -13.44 27.81
C VAL A 292 2.80 -13.04 28.69
N ALA A 293 2.75 -13.45 29.96
CA ALA A 293 1.62 -13.09 30.82
C ALA A 293 1.51 -11.59 31.00
N GLU A 294 2.66 -10.91 31.09
CA GLU A 294 2.65 -9.44 31.26
C GLU A 294 2.10 -8.75 30.01
N PHE A 295 2.49 -9.29 28.85
CA PHE A 295 1.98 -8.87 27.58
C PHE A 295 0.48 -9.06 27.54
N LYS A 296 -0.02 -10.23 27.85
CA LYS A 296 -1.49 -10.44 27.74
C LYS A 296 -2.23 -9.51 28.67
N ALA A 297 -1.63 -9.18 29.82
CA ALA A 297 -2.29 -8.28 30.76
C ALA A 297 -2.28 -6.82 30.34
N ASN A 298 -1.47 -6.41 29.37
CA ASN A 298 -1.45 -5.00 28.93
C ASN A 298 -1.77 -4.66 27.45
N TYR A 299 -1.69 -5.64 26.56
CA TYR A 299 -1.89 -5.41 25.14
C TYR A 299 -3.36 -5.07 24.83
N GLY A 300 -3.56 -4.19 23.84
CA GLY A 300 -4.87 -3.96 23.26
C GLY A 300 -5.80 -3.11 24.13
N GLU A 301 -5.22 -2.18 24.90
CA GLU A 301 -5.97 -1.34 25.82
C GLU A 301 -5.45 0.07 25.77
N LYS A 302 -6.40 1.01 25.73
CA LYS A 302 -6.08 2.40 25.46
C LYS A 302 -5.25 3.01 26.63
N ASP A 303 -5.51 2.54 27.85
CA ASP A 303 -4.81 2.98 29.09
C ASP A 303 -3.29 3.23 28.85
N PRO A 304 -2.85 4.51 28.88
CA PRO A 304 -1.43 4.80 28.58
C PRO A 304 -0.41 4.03 29.38
N ALA A 305 -0.68 3.82 30.67
CA ALA A 305 0.18 3.00 31.54
C ALA A 305 0.42 1.59 30.94
N LYS A 306 -0.66 0.99 30.45
CA LYS A 306 -0.63 -0.34 29.84
C LYS A 306 0.13 -0.35 28.52
N VAL A 307 -0.13 0.63 27.64
CA VAL A 307 0.72 0.82 26.44
C VAL A 307 2.23 0.99 26.76
N ALA A 308 2.54 1.67 27.86
CA ALA A 308 3.93 1.94 28.24
C ALA A 308 4.59 0.64 28.70
N VAL A 309 3.78 -0.26 29.26
CA VAL A 309 4.31 -1.53 29.74
C VAL A 309 4.76 -2.38 28.53
N VAL A 310 3.87 -2.47 27.54
CA VAL A 310 4.14 -3.23 26.29
C VAL A 310 5.40 -2.70 25.58
N LYS A 311 5.51 -1.37 25.46
CA LYS A 311 6.72 -0.73 24.86
C LYS A 311 8.00 -1.09 25.61
N ARG A 312 7.92 -1.08 26.94
CA ARG A 312 9.01 -1.54 27.82
C ARG A 312 9.36 -3.00 27.51
N LEU A 313 8.36 -3.87 27.47
CA LEU A 313 8.56 -5.28 27.14
C LEU A 313 9.29 -5.44 25.80
N TYR A 314 8.91 -4.61 24.83
CA TYR A 314 9.53 -4.68 23.50
C TYR A 314 11.00 -4.20 23.56
N SER A 315 11.27 -3.08 24.23
CA SER A 315 12.69 -2.63 24.46
C SER A 315 13.55 -3.68 25.15
N LYS A 316 13.15 -4.13 26.32
CA LYS A 316 13.86 -5.19 27.05
C LYS A 316 14.03 -6.48 26.25
N ALA A 317 13.09 -6.78 25.34
CA ALA A 317 13.11 -8.04 24.56
C ALA A 317 14.18 -8.12 23.43
N ASN A 318 14.82 -6.99 23.16
CA ASN A 318 15.89 -6.86 22.19
C ASN A 318 15.43 -7.35 20.78
N LEU A 319 14.33 -6.77 20.35
CA LEU A 319 13.76 -7.00 19.05
C LEU A 319 14.56 -6.37 17.95
N GLN A 320 15.40 -5.37 18.22
CA GLN A 320 16.40 -4.91 17.21
C GLN A 320 17.23 -6.06 16.68
N ALA A 321 17.62 -6.97 17.55
CA ALA A 321 18.41 -8.12 17.08
C ALA A 321 17.62 -8.99 16.10
N ASP A 322 16.41 -9.38 16.47
CA ASP A 322 15.59 -10.20 15.57
C ASP A 322 15.31 -9.43 14.25
N PHE A 323 15.21 -8.10 14.35
CA PHE A 323 15.01 -7.25 13.17
C PHE A 323 16.23 -7.28 12.24
N ALA A 324 17.43 -7.20 12.79
CA ALA A 324 18.60 -7.18 11.94
C ALA A 324 18.76 -8.56 11.32
N ALA A 325 18.41 -9.61 12.05
CA ALA A 325 18.43 -10.97 11.49
C ALA A 325 17.38 -11.14 10.37
N TYR A 326 16.15 -10.68 10.62
CA TYR A 326 15.15 -10.64 9.57
C TYR A 326 15.69 -9.90 8.30
N GLU A 327 16.26 -8.74 8.52
CA GLU A 327 16.74 -7.89 7.45
C GLU A 327 17.83 -8.55 6.62
N ALA A 328 18.78 -9.18 7.30
CA ALA A 328 19.84 -9.90 6.66
C ALA A 328 19.29 -10.99 5.78
N GLU A 329 18.29 -11.72 6.27
CA GLU A 329 17.69 -12.80 5.48
C GLU A 329 16.93 -12.24 4.25
N VAL A 330 16.19 -11.14 4.44
CA VAL A 330 15.49 -10.50 3.32
C VAL A 330 16.49 -10.05 2.22
N VAL A 331 17.56 -9.36 2.64
CA VAL A 331 18.64 -8.94 1.69
C VAL A 331 19.16 -10.13 0.88
N ARG A 332 19.36 -11.25 1.55
CA ARG A 332 19.78 -12.48 0.86
C ARG A 332 18.76 -12.96 -0.17
N GLU A 333 17.51 -13.03 0.23
CA GLU A 333 16.50 -13.61 -0.63
C GLU A 333 16.19 -12.68 -1.81
N VAL A 334 16.19 -11.38 -1.54
CA VAL A 334 15.87 -10.36 -2.58
C VAL A 334 16.97 -10.37 -3.60
N GLU A 335 18.21 -10.39 -3.13
CA GLU A 335 19.34 -10.47 -4.07
C GLU A 335 19.29 -11.78 -4.87
N SER A 336 18.90 -12.88 -4.22
CA SER A 336 18.78 -14.12 -4.95
C SER A 336 17.73 -13.97 -6.08
N LEU A 337 16.57 -13.40 -5.72
CA LEU A 337 15.47 -13.22 -6.72
C LEU A 337 15.89 -12.22 -7.83
N ILE A 338 16.58 -11.15 -7.48
CA ILE A 338 17.13 -10.24 -8.48
C ILE A 338 18.03 -10.96 -9.51
N GLU A 339 18.83 -11.90 -9.03
CA GLU A 339 19.69 -12.68 -9.88
C GLU A 339 18.94 -13.58 -10.80
N GLN A 340 17.96 -14.27 -10.23
CA GLN A 340 17.05 -15.09 -11.00
C GLN A 340 16.33 -14.25 -12.12
N LEU A 341 15.91 -13.03 -11.79
CA LEU A 341 15.30 -12.11 -12.77
C LEU A 341 16.27 -11.66 -13.90
N LYS A 342 17.60 -11.65 -13.64
CA LYS A 342 18.60 -11.37 -14.71
C LYS A 342 18.59 -12.41 -15.85
N VAL A 343 18.15 -13.62 -15.58
CA VAL A 343 18.15 -14.68 -16.59
C VAL A 343 17.39 -14.24 -17.87
N LYS A 344 16.12 -13.85 -17.72
CA LYS A 344 15.30 -13.42 -18.87
C LYS A 344 15.21 -11.91 -19.03
N SER A 345 15.46 -11.13 -17.99
CA SER A 345 15.22 -9.68 -18.03
C SER A 345 16.17 -8.87 -17.14
N PRO A 346 17.42 -8.69 -17.61
CA PRO A 346 18.43 -7.96 -16.81
C PRO A 346 18.05 -6.54 -16.43
N THR A 347 17.41 -5.81 -17.34
CA THR A 347 17.09 -4.41 -17.09
C THR A 347 15.86 -4.27 -16.16
N PHE A 348 14.89 -5.17 -16.28
CA PHE A 348 13.81 -5.26 -15.29
C PHE A 348 14.42 -5.55 -13.93
N ALA A 349 15.41 -6.46 -13.87
CA ALA A 349 16.06 -6.83 -12.63
C ALA A 349 16.57 -5.60 -11.89
N GLU A 350 17.09 -4.64 -12.66
CA GLU A 350 17.62 -3.40 -12.12
C GLU A 350 16.51 -2.44 -11.59
N SER A 351 15.34 -2.46 -12.24
CA SER A 351 14.21 -1.70 -11.75
C SER A 351 13.77 -2.27 -10.40
N VAL A 352 13.80 -3.60 -10.30
CA VAL A 352 13.48 -4.29 -9.02
C VAL A 352 14.52 -3.91 -7.97
N ALA A 353 15.80 -3.84 -8.39
CA ALA A 353 16.85 -3.42 -7.46
C ALA A 353 16.66 -2.00 -6.94
N VAL A 354 16.19 -1.07 -7.78
CA VAL A 354 15.93 0.29 -7.33
C VAL A 354 14.75 0.33 -6.34
N VAL A 355 13.69 -0.40 -6.66
CA VAL A 355 12.56 -0.64 -5.74
C VAL A 355 13.00 -1.19 -4.38
N TRP A 356 13.84 -2.24 -4.38
CA TRP A 356 14.40 -2.72 -3.14
C TRP A 356 15.22 -1.67 -2.42
N GLU A 357 16.14 -0.98 -3.09
CA GLU A 357 16.93 0.09 -2.42
C GLU A 357 16.06 1.16 -1.80
N LYS A 358 15.04 1.63 -2.50
CA LYS A 358 14.21 2.70 -1.96
C LYS A 358 13.42 2.24 -0.76
N THR A 359 13.09 0.95 -0.70
CA THR A 359 12.43 0.38 0.46
C THR A 359 13.37 0.15 1.65
N HIS A 360 14.52 -0.44 1.34
CA HIS A 360 15.58 -0.80 2.32
C HIS A 360 16.20 0.39 3.05
N LYS A 361 16.40 1.52 2.37
CA LYS A 361 16.98 2.76 2.96
C LYS A 361 15.96 3.67 3.69
N ARG A 362 15.02 4.27 2.96
CA ARG A 362 14.24 5.52 3.34
C ARG A 362 14.45 6.22 4.70
S SO4 B . 3.88 7.08 -0.49
O1 SO4 B . 4.42 8.21 0.31
O2 SO4 B . 2.43 7.37 -0.73
O3 SO4 B . 3.95 5.80 0.27
O4 SO4 B . 4.62 7.07 -1.78
S SO4 C . -14.77 9.08 -23.14
O1 SO4 C . -15.31 8.68 -24.47
O2 SO4 C . -14.70 10.57 -23.01
O3 SO4 C . -15.66 8.54 -22.08
O4 SO4 C . -13.47 8.39 -22.96
C ACT D . 15.08 -17.90 -3.27
O ACT D . 14.81 -16.80 -3.81
OXT ACT D . 15.32 -18.97 -3.92
CH3 ACT D . 15.13 -17.96 -1.77
ZN ZN E . 1.16 0.83 10.58
ZN ZN F . -6.70 -0.16 9.08
N1 LXJ G . 14.12 -10.29 -24.39
C4 LXJ G . 15.41 -10.10 -23.70
C5 LXJ G . 13.41 -9.13 -24.45
C6 LXJ G . 14.23 -8.04 -23.76
C7 LXJ G . 13.32 -7.06 -23.08
C8 LXJ G . 14.12 -5.92 -22.45
C10 LXJ G . 12.06 -6.55 -19.64
C13 LXJ G . 11.82 -3.88 -18.79
N LXJ G . 14.97 -6.34 -21.35
C LXJ G . 14.52 -6.29 -19.97
O LXJ G . 15.23 -6.69 -19.05
C1 LXJ G . 16.35 -6.77 -21.72
C11 LXJ G . 10.82 -6.03 -19.23
C12 LXJ G . 10.71 -4.70 -18.80
C14 LXJ G . 13.06 -4.38 -19.19
C2 LXJ G . 16.47 -8.12 -22.48
C3 LXJ G . 15.16 -8.82 -22.82
C9 LXJ G . 13.18 -5.72 -19.62
O1 LXJ G . 12.31 -9.02 -24.99
#